data_8Q66
#
_entry.id   8Q66
#
_cell.length_a   145.089
_cell.length_b   59.053
_cell.length_c   88.161
_cell.angle_alpha   90.000
_cell.angle_beta   119.800
_cell.angle_gamma   90.000
#
_symmetry.space_group_name_H-M   'C 1 2 1'
#
loop_
_entity.id
_entity.type
_entity.pdbx_description
1 polymer 'Exonuclease mut-7'
2 polymer 'SH2 domain-containing protein'
3 non-polymer 'ZINC ION'
4 non-polymer 1,2-ETHANEDIOL
5 water water
#
loop_
_entity_poly.entity_id
_entity_poly.type
_entity_poly.pdbx_seq_one_letter_code
_entity_poly.pdbx_strand_id
1 'polypeptide(L)'
;GPDSMSYRKLKTIPWLELYDILRSHRNPTRSPQRPHDIKVIVDTMLIGFGKNLRRVGIDVILPKDVSDFRKYLKEIERVG
GEHLRHIITVPSKSYEALKMDYDNYTIAIPELNNMSPVDQLIEFFDLFNVDIRPEDVYPRCTECNSRLQIKFPGPVLHFL
HQYCVIHVQNVYRADMSEFPLEEWWNRMLHINPDDYDGVKVEMSRPSPTSKWIVATVPTGCLHITRQTALHTNLPDGIEV
RIHKVPDDEFKRRNLSFYVCGECGTVACDGRG
;
A
2 'polypeptide(L)'
;GPDSMDEDEIDDEDTYGTRGTSNIPMRPFIKDLAPTMLQLLRQDKTDSEKPQSALCTVVQKIDGFAILYTAKRDVINVLL
QERSCEGLERSPQLGDVAFFDILPRRIETKDRLIFKIPYTHIAVKKKPDTPDSLLKIDCFKNSVRCFGGVLEMKVKIALS
KPELVVEQYHDNTEMNSDHHFYYLKATNGVLVTIPKERLLNHLNSKLSADFDLIAWVVHRKPIGNVSLHIGKGGEAYQQF
TNGDIRELPPL
;
B
#
loop_
_chem_comp.id
_chem_comp.type
_chem_comp.name
_chem_comp.formula
EDO non-polymer 1,2-ETHANEDIOL 'C2 H6 O2'
ZN non-polymer 'ZINC ION' 'Zn 2'
#
# COMPACT_ATOMS: atom_id res chain seq x y z
N GLY A 1 -16.41 -11.09 30.15
CA GLY A 1 -15.89 -11.78 31.31
C GLY A 1 -14.50 -12.33 31.08
N PRO A 2 -13.67 -12.36 32.12
CA PRO A 2 -12.33 -12.97 31.96
C PRO A 2 -12.39 -14.46 31.68
N ASP A 3 -13.45 -15.13 32.12
CA ASP A 3 -13.60 -16.57 31.96
C ASP A 3 -14.76 -16.93 31.04
N SER A 4 -15.32 -15.96 30.32
CA SER A 4 -16.45 -16.22 29.45
C SER A 4 -15.98 -16.56 28.04
N MET A 5 -16.88 -17.16 27.26
CA MET A 5 -16.54 -17.71 25.96
C MET A 5 -16.41 -16.61 24.91
N SER A 6 -15.72 -16.93 23.83
CA SER A 6 -15.53 -16.01 22.72
C SER A 6 -16.64 -16.18 21.69
N TYR A 7 -16.99 -15.08 21.03
CA TYR A 7 -18.00 -15.08 20.00
C TYR A 7 -17.38 -15.45 18.65
N ARG A 8 -18.23 -15.91 17.74
CA ARG A 8 -17.82 -16.10 16.35
C ARG A 8 -17.29 -14.79 15.79
N LYS A 9 -16.08 -14.81 15.27
CA LYS A 9 -15.49 -13.60 14.70
C LYS A 9 -16.15 -13.27 13.37
N LEU A 10 -16.46 -11.98 13.19
CA LEU A 10 -17.09 -11.53 11.94
C LEU A 10 -16.35 -12.07 10.72
N LYS A 11 -15.03 -12.23 10.83
CA LYS A 11 -14.23 -12.69 9.70
C LYS A 11 -14.63 -14.08 9.20
N THR A 12 -15.34 -14.85 10.03
CA THR A 12 -15.72 -16.21 9.65
C THR A 12 -17.11 -16.30 9.04
N ILE A 13 -17.86 -15.21 9.01
CA ILE A 13 -19.24 -15.21 8.51
C ILE A 13 -19.21 -14.81 7.03
N PRO A 14 -19.75 -15.62 6.13
CA PRO A 14 -19.85 -15.19 4.73
C PRO A 14 -20.69 -13.93 4.61
N TRP A 15 -20.30 -13.05 3.69
CA TRP A 15 -20.98 -11.77 3.55
C TRP A 15 -22.47 -11.95 3.28
N LEU A 16 -22.83 -12.94 2.45
CA LEU A 16 -24.24 -13.13 2.12
C LEU A 16 -25.04 -13.53 3.36
N GLU A 17 -24.45 -14.35 4.23
CA GLU A 17 -25.10 -14.65 5.50
C GLU A 17 -25.28 -13.39 6.33
N LEU A 18 -24.24 -12.54 6.38
CA LEU A 18 -24.33 -11.29 7.11
C LEU A 18 -25.28 -10.31 6.44
N TYR A 19 -25.30 -10.30 5.11
CA TYR A 19 -26.21 -9.42 4.38
C TYR A 19 -27.66 -9.76 4.71
N ASP A 20 -27.98 -11.05 4.80
CA ASP A 20 -29.36 -11.44 5.08
C ASP A 20 -29.78 -11.02 6.49
N ILE A 21 -28.85 -11.06 7.44
CA ILE A 21 -29.18 -10.65 8.81
C ILE A 21 -29.45 -9.15 8.86
N LEU A 22 -28.57 -8.36 8.24
CA LEU A 22 -28.57 -6.91 8.43
C LEU A 22 -29.51 -6.17 7.48
N ARG A 23 -29.77 -6.73 6.29
CA ARG A 23 -30.57 -6.01 5.30
C ARG A 23 -31.94 -5.62 5.84
N SER A 24 -32.42 -6.26 6.90
CA SER A 24 -33.74 -6.00 7.44
C SER A 24 -33.71 -5.09 8.66
N HIS A 25 -32.62 -4.35 8.86
CA HIS A 25 -32.48 -3.44 10.00
C HIS A 25 -32.15 -2.05 9.48
N ARG A 26 -33.03 -1.09 9.76
CA ARG A 26 -32.76 0.29 9.40
C ARG A 26 -33.65 1.21 10.21
N ASN A 27 -33.17 2.45 10.39
CA ASN A 27 -33.96 3.50 11.02
C ASN A 27 -34.72 4.24 9.93
N PRO A 28 -36.04 4.05 9.78
CA PRO A 28 -36.74 4.64 8.64
C PRO A 28 -36.88 6.16 8.72
N THR A 29 -36.59 6.78 9.87
CA THR A 29 -36.66 8.23 10.00
C THR A 29 -35.41 8.93 9.48
N ARG A 30 -34.38 8.19 9.10
CA ARG A 30 -33.13 8.75 8.62
C ARG A 30 -32.99 8.50 7.12
N SER A 31 -32.27 9.39 6.45
CA SER A 31 -32.04 9.23 5.02
C SER A 31 -31.12 8.03 4.77
N PRO A 32 -31.47 7.14 3.84
CA PRO A 32 -30.59 5.99 3.57
C PRO A 32 -29.28 6.44 2.92
N GLN A 33 -28.21 5.74 3.28
CA GLN A 33 -26.88 6.05 2.78
C GLN A 33 -26.11 4.78 2.53
N ARG A 34 -25.27 4.81 1.50
CA ARG A 34 -24.31 3.73 1.29
C ARG A 34 -23.27 3.77 2.41
N PRO A 35 -22.68 2.61 2.74
CA PRO A 35 -21.75 2.59 3.88
C PRO A 35 -20.62 3.58 3.76
N HIS A 36 -20.00 3.70 2.59
CA HIS A 36 -18.86 4.59 2.45
C HIS A 36 -19.23 6.06 2.61
N ASP A 37 -20.52 6.39 2.58
CA ASP A 37 -20.96 7.77 2.81
C ASP A 37 -21.26 8.05 4.28
N ILE A 38 -21.06 7.07 5.16
CA ILE A 38 -21.25 7.23 6.60
C ILE A 38 -19.87 7.33 7.24
N LYS A 39 -19.62 8.45 7.93
CA LYS A 39 -18.33 8.71 8.55
C LYS A 39 -18.47 8.57 10.07
N VAL A 40 -17.60 7.75 10.66
CA VAL A 40 -17.68 7.41 12.07
C VAL A 40 -16.29 7.49 12.70
N ILE A 41 -16.26 7.82 13.99
CA ILE A 41 -15.08 7.65 14.82
C ILE A 41 -15.52 7.02 16.12
N VAL A 42 -14.79 6.00 16.57
CA VAL A 42 -15.15 5.21 17.75
C VAL A 42 -14.31 5.66 18.93
N ASP A 43 -14.92 5.66 20.11
CA ASP A 43 -14.17 5.84 21.35
C ASP A 43 -13.18 4.70 21.53
N THR A 44 -12.22 4.90 22.43
CA THR A 44 -11.06 4.01 22.51
C THR A 44 -11.42 2.61 23.00
N MET A 45 -12.56 2.43 23.65
CA MET A 45 -12.97 1.10 24.10
C MET A 45 -13.74 0.32 23.04
N LEU A 46 -13.89 0.88 21.82
CA LEU A 46 -14.70 0.27 20.77
C LEU A 46 -13.90 0.05 19.49
N ILE A 47 -12.62 -0.31 19.63
CA ILE A 47 -11.79 -0.50 18.44
C ILE A 47 -12.25 -1.71 17.64
N GLY A 48 -12.46 -2.84 18.31
CA GLY A 48 -12.96 -4.02 17.61
C GLY A 48 -14.28 -3.75 16.92
N PHE A 49 -15.18 -3.03 17.60
CA PHE A 49 -16.44 -2.63 16.98
C PHE A 49 -16.19 -1.80 15.73
N GLY A 50 -15.28 -0.82 15.81
CA GLY A 50 -14.98 0.00 14.65
C GLY A 50 -14.46 -0.82 13.48
N LYS A 51 -13.64 -1.83 13.77
CA LYS A 51 -13.15 -2.70 12.71
C LYS A 51 -14.29 -3.49 12.07
N ASN A 52 -15.30 -3.87 12.86
CA ASN A 52 -16.46 -4.57 12.31
C ASN A 52 -17.30 -3.64 11.45
N LEU A 53 -17.39 -2.36 11.84
CA LEU A 53 -18.08 -1.39 10.99
C LEU A 53 -17.37 -1.23 9.66
N ARG A 54 -16.03 -1.20 9.68
CA ARG A 54 -15.28 -1.15 8.42
C ARG A 54 -15.62 -2.34 7.53
N ARG A 55 -15.83 -3.51 8.14
CA ARG A 55 -16.08 -4.70 7.34
C ARG A 55 -17.27 -4.52 6.41
N VAL A 56 -18.34 -3.88 6.89
CA VAL A 56 -19.52 -3.68 6.07
C VAL A 56 -19.40 -2.37 5.28
N GLY A 57 -18.24 -1.71 5.36
CA GLY A 57 -17.93 -0.60 4.49
C GLY A 57 -18.01 0.78 5.09
N ILE A 58 -18.30 0.89 6.39
CA ILE A 58 -18.37 2.20 7.03
C ILE A 58 -16.98 2.82 7.08
N ASP A 59 -16.93 4.14 6.93
CA ASP A 59 -15.68 4.91 7.05
C ASP A 59 -15.46 5.21 8.53
N VAL A 60 -14.45 4.60 9.13
CA VAL A 60 -14.25 4.63 10.56
C VAL A 60 -12.82 5.05 10.88
N ILE A 61 -12.67 6.03 11.76
CA ILE A 61 -11.38 6.37 12.34
C ILE A 61 -11.21 5.59 13.64
N LEU A 62 -10.05 4.95 13.80
CA LEU A 62 -9.74 4.22 15.03
C LEU A 62 -8.65 4.95 15.78
N PRO A 63 -8.95 5.62 16.89
CA PRO A 63 -7.89 6.35 17.61
C PRO A 63 -6.94 5.40 18.32
N LYS A 64 -5.68 5.84 18.43
CA LYS A 64 -4.67 5.02 19.07
C LYS A 64 -4.71 5.13 20.59
N ASP A 65 -5.22 6.24 21.11
CA ASP A 65 -5.33 6.45 22.56
C ASP A 65 -6.27 7.63 22.79
N VAL A 66 -6.46 7.99 24.06
CA VAL A 66 -7.38 9.05 24.41
C VAL A 66 -6.92 10.38 23.81
N SER A 67 -5.63 10.68 23.91
CA SER A 67 -5.11 11.91 23.32
C SER A 67 -5.37 11.94 21.82
N ASP A 68 -5.03 10.85 21.12
CA ASP A 68 -5.31 10.77 19.69
C ASP A 68 -6.81 10.96 19.42
N PHE A 69 -7.65 10.35 20.24
CA PHE A 69 -9.10 10.48 20.07
C PHE A 69 -9.54 11.95 20.16
N ARG A 70 -9.06 12.65 21.19
CA ARG A 70 -9.48 14.04 21.37
C ARG A 70 -8.94 14.93 20.25
N LYS A 71 -7.71 14.68 19.80
CA LYS A 71 -7.16 15.46 18.69
C LYS A 71 -8.04 15.33 17.45
N TYR A 72 -8.46 14.11 17.13
CA TYR A 72 -9.36 13.90 16.01
C TYR A 72 -10.64 14.73 16.18
N LEU A 73 -11.22 14.69 17.38
CA LEU A 73 -12.48 15.40 17.61
C LEU A 73 -12.31 16.91 17.39
N LYS A 74 -11.19 17.46 17.86
CA LYS A 74 -10.93 18.88 17.62
C LYS A 74 -10.74 19.17 16.15
N GLU A 75 -10.02 18.29 15.45
CA GLU A 75 -9.75 18.52 14.02
C GLU A 75 -11.01 18.36 13.18
N ILE A 76 -11.80 17.33 13.47
CA ILE A 76 -13.08 17.16 12.77
C ILE A 76 -13.93 18.41 12.93
N GLU A 77 -13.99 18.96 14.15
CA GLU A 77 -14.83 20.11 14.40
C GLU A 77 -14.27 21.37 13.72
N ARG A 78 -12.94 21.49 13.68
CA ARG A 78 -12.33 22.62 12.98
C ARG A 78 -12.64 22.56 11.49
N VAL A 79 -12.54 21.37 10.88
CA VAL A 79 -12.78 21.23 9.46
C VAL A 79 -14.27 21.31 9.15
N GLY A 80 -15.08 20.59 9.91
CA GLY A 80 -16.52 20.63 9.72
C GLY A 80 -16.94 20.22 8.32
N GLY A 81 -18.23 20.43 8.08
CA GLY A 81 -18.79 20.19 6.75
C GLY A 81 -18.89 18.71 6.44
N GLU A 82 -18.38 18.33 5.26
CA GLU A 82 -18.44 16.94 4.84
C GLU A 82 -17.67 16.02 5.76
N HIS A 83 -16.76 16.56 6.57
CA HIS A 83 -15.85 15.74 7.37
C HIS A 83 -16.32 15.55 8.81
N LEU A 84 -17.50 16.04 9.15
CA LEU A 84 -18.07 15.77 10.46
C LEU A 84 -18.40 14.29 10.59
N ARG A 85 -18.23 13.76 11.80
CA ARG A 85 -18.35 12.33 12.03
C ARG A 85 -19.30 12.04 13.19
N HIS A 86 -19.97 10.89 13.09
CA HIS A 86 -20.72 10.35 14.23
C HIS A 86 -19.72 9.76 15.22
N ILE A 87 -19.89 10.11 16.51
CA ILE A 87 -19.01 9.65 17.57
C ILE A 87 -19.74 8.55 18.33
N ILE A 88 -19.25 7.32 18.23
CA ILE A 88 -19.86 6.16 18.87
C ILE A 88 -19.10 5.83 20.15
N THR A 89 -19.84 5.70 21.25
CA THR A 89 -19.26 5.32 22.53
C THR A 89 -20.28 4.44 23.26
N VAL A 90 -20.00 4.14 24.52
CA VAL A 90 -20.94 3.42 25.37
C VAL A 90 -21.18 4.26 26.61
N PRO A 91 -22.27 4.00 27.33
CA PRO A 91 -22.49 4.71 28.60
C PRO A 91 -21.29 4.57 29.52
N SER A 92 -20.71 5.70 29.91
CA SER A 92 -19.43 5.69 30.62
C SER A 92 -19.08 7.12 31.02
N LYS A 93 -18.02 7.25 31.82
CA LYS A 93 -17.50 8.57 32.13
C LYS A 93 -16.99 9.27 30.88
N SER A 94 -16.47 8.51 29.91
CA SER A 94 -16.07 9.09 28.64
C SER A 94 -17.26 9.74 27.94
N TYR A 95 -18.40 9.03 27.89
CA TYR A 95 -19.59 9.59 27.27
C TYR A 95 -20.01 10.87 27.98
N GLU A 96 -20.09 10.84 29.31
CA GLU A 96 -20.43 12.04 30.05
C GLU A 96 -19.53 13.20 29.66
N ALA A 97 -18.22 12.93 29.55
CA ALA A 97 -17.29 13.99 29.20
C ALA A 97 -17.49 14.46 27.76
N LEU A 98 -17.75 13.52 26.84
CA LEU A 98 -17.94 13.89 25.45
C LEU A 98 -19.14 14.81 25.26
N LYS A 99 -20.19 14.63 26.06
CA LYS A 99 -21.40 15.41 25.88
C LYS A 99 -21.14 16.91 26.09
N MET A 100 -20.14 17.24 26.89
CA MET A 100 -19.90 18.66 27.20
C MET A 100 -19.54 19.46 25.95
N ASP A 101 -18.94 18.82 24.95
CA ASP A 101 -18.50 19.51 23.74
C ASP A 101 -18.96 18.87 22.44
N TYR A 102 -19.57 17.68 22.48
CA TYR A 102 -19.94 16.97 21.26
C TYR A 102 -21.28 16.27 21.42
N ASP A 103 -22.21 16.88 22.16
CA ASP A 103 -23.49 16.25 22.40
C ASP A 103 -24.21 15.90 21.10
N ASN A 104 -24.19 16.82 20.13
CA ASN A 104 -25.00 16.65 18.92
C ASN A 104 -24.49 15.56 18.00
N TYR A 105 -23.27 15.07 18.19
CA TYR A 105 -22.72 14.03 17.34
C TYR A 105 -22.45 12.71 18.05
N THR A 106 -22.56 12.68 19.38
CA THR A 106 -22.18 11.51 20.16
C THR A 106 -23.37 10.58 20.34
N ILE A 107 -23.17 9.29 20.08
CA ILE A 107 -24.17 8.26 20.31
C ILE A 107 -23.57 7.23 21.25
N ALA A 108 -24.24 7.00 22.38
CA ALA A 108 -23.84 5.98 23.34
C ALA A 108 -24.77 4.78 23.18
N ILE A 109 -24.20 3.61 22.89
CA ILE A 109 -24.95 2.39 22.66
C ILE A 109 -24.76 1.48 23.88
N PRO A 110 -25.78 1.28 24.71
CA PRO A 110 -25.61 0.46 25.90
C PRO A 110 -25.14 -0.95 25.58
N GLU A 111 -24.29 -1.50 26.45
CA GLU A 111 -23.87 -2.89 26.42
C GLU A 111 -23.20 -3.28 25.12
N LEU A 112 -22.68 -2.30 24.36
CA LEU A 112 -22.13 -2.60 23.05
C LEU A 112 -20.94 -3.55 23.14
N ASN A 113 -20.18 -3.50 24.23
CA ASN A 113 -18.98 -4.33 24.36
C ASN A 113 -19.25 -5.66 25.04
N ASN A 114 -20.43 -5.86 25.62
CA ASN A 114 -20.84 -7.16 26.15
C ASN A 114 -21.82 -7.83 25.19
N MET A 115 -21.39 -7.97 23.94
CA MET A 115 -22.33 -8.21 22.85
C MET A 115 -21.57 -8.73 21.64
N SER A 116 -22.16 -9.69 20.94
CA SER A 116 -21.49 -10.36 19.84
C SER A 116 -21.27 -9.40 18.67
N PRO A 117 -20.28 -9.68 17.81
CA PRO A 117 -20.07 -8.81 16.65
C PRO A 117 -21.30 -8.58 15.80
N VAL A 118 -22.09 -9.63 15.54
CA VAL A 118 -23.29 -9.46 14.73
C VAL A 118 -24.32 -8.61 15.48
N ASP A 119 -24.45 -8.83 16.79
CA ASP A 119 -25.39 -8.02 17.56
C ASP A 119 -24.94 -6.57 17.61
N GLN A 120 -23.63 -6.32 17.67
CA GLN A 120 -23.14 -4.95 17.61
C GLN A 120 -23.59 -4.26 16.33
N LEU A 121 -23.44 -4.94 15.20
CA LEU A 121 -23.84 -4.36 13.92
C LEU A 121 -25.34 -4.10 13.88
N ILE A 122 -26.14 -5.01 14.43
CA ILE A 122 -27.58 -4.82 14.45
C ILE A 122 -27.94 -3.56 15.20
N GLU A 123 -27.27 -3.31 16.33
CA GLU A 123 -27.50 -2.08 17.08
C GLU A 123 -27.21 -0.86 16.22
N PHE A 124 -26.09 -0.89 15.51
CA PHE A 124 -25.72 0.23 14.64
C PHE A 124 -26.73 0.40 13.51
N PHE A 125 -27.14 -0.70 12.88
CA PHE A 125 -28.06 -0.59 11.75
C PHE A 125 -29.45 -0.19 12.18
N ASP A 126 -29.83 -0.48 13.42
CA ASP A 126 -31.12 -0.01 13.92
C ASP A 126 -31.12 1.50 14.11
N LEU A 127 -29.95 2.09 14.39
CA LEU A 127 -29.86 3.53 14.59
C LEU A 127 -29.74 4.28 13.26
N PHE A 128 -29.08 3.67 12.28
CA PHE A 128 -28.83 4.30 10.99
C PHE A 128 -29.69 3.64 9.91
N ASN A 129 -29.59 4.18 8.70
CA ASN A 129 -30.27 3.65 7.52
C ASN A 129 -29.18 3.35 6.49
N VAL A 130 -28.67 2.13 6.53
CA VAL A 130 -27.53 1.72 5.71
C VAL A 130 -28.05 0.89 4.54
N ASP A 131 -27.66 1.27 3.32
CA ASP A 131 -28.04 0.58 2.10
C ASP A 131 -26.90 -0.36 1.72
N ILE A 132 -27.06 -1.65 2.01
CA ILE A 132 -26.05 -2.64 1.71
C ILE A 132 -26.55 -3.50 0.55
N ARG A 133 -25.60 -4.10 -0.17
CA ARG A 133 -25.90 -4.87 -1.36
C ARG A 133 -25.19 -6.21 -1.33
N PRO A 134 -25.77 -7.23 -1.96
CA PRO A 134 -25.18 -8.58 -1.87
C PRO A 134 -23.79 -8.69 -2.48
N GLU A 135 -23.46 -7.85 -3.45
CA GLU A 135 -22.22 -7.99 -4.19
C GLU A 135 -21.00 -7.42 -3.45
N ASP A 136 -21.21 -6.69 -2.35
CA ASP A 136 -20.12 -6.00 -1.68
C ASP A 136 -19.49 -6.93 -0.64
N VAL A 137 -18.68 -7.86 -1.13
CA VAL A 137 -18.09 -8.87 -0.25
C VAL A 137 -17.06 -8.24 0.69
N TYR A 138 -16.21 -7.35 0.17
CA TYR A 138 -15.17 -6.72 0.98
C TYR A 138 -14.90 -5.31 0.48
N PRO A 139 -15.77 -4.36 0.85
CA PRO A 139 -15.62 -2.99 0.33
C PRO A 139 -14.47 -2.21 0.93
N ARG A 140 -13.97 -2.57 2.11
CA ARG A 140 -13.03 -1.73 2.84
C ARG A 140 -12.11 -2.56 3.71
N CYS A 141 -10.85 -2.14 3.80
CA CYS A 141 -9.88 -2.81 4.65
C CYS A 141 -10.20 -2.55 6.12
N THR A 142 -10.45 -3.62 6.87
CA THR A 142 -10.76 -3.46 8.29
C THR A 142 -9.58 -2.94 9.10
N GLU A 143 -8.35 -3.08 8.57
CA GLU A 143 -7.17 -2.74 9.34
C GLU A 143 -6.72 -1.30 9.18
N CYS A 144 -6.90 -0.70 8.00
CA CYS A 144 -6.44 0.66 7.76
C CYS A 144 -7.50 1.57 7.15
N ASN A 145 -8.70 1.08 6.88
CA ASN A 145 -9.85 1.87 6.43
C ASN A 145 -9.86 2.13 4.93
N SER A 146 -8.88 1.61 4.18
CA SER A 146 -8.76 1.94 2.77
C SER A 146 -9.83 1.25 1.94
N ARG A 147 -10.37 1.98 0.97
CA ARG A 147 -11.31 1.43 0.01
C ARG A 147 -10.62 0.76 -1.18
N LEU A 148 -9.29 0.85 -1.25
CA LEU A 148 -8.55 0.44 -2.45
C LEU A 148 -8.17 -1.03 -2.33
N GLN A 149 -9.16 -1.88 -2.57
CA GLN A 149 -9.00 -3.32 -2.45
C GLN A 149 -8.85 -3.92 -3.85
N ILE A 150 -7.76 -4.66 -4.05
CA ILE A 150 -7.49 -5.31 -5.32
C ILE A 150 -8.04 -6.73 -5.24
N LYS A 151 -8.96 -7.06 -6.15
CA LYS A 151 -9.63 -8.35 -6.15
C LYS A 151 -8.95 -9.29 -7.15
N PHE A 152 -8.43 -10.41 -6.65
CA PHE A 152 -7.77 -11.43 -7.44
C PHE A 152 -8.49 -12.76 -7.31
N PRO A 153 -8.54 -13.55 -8.39
CA PRO A 153 -8.89 -14.96 -8.22
C PRO A 153 -7.89 -15.67 -7.32
N GLY A 154 -8.40 -16.63 -6.53
CA GLY A 154 -7.59 -17.32 -5.56
C GLY A 154 -6.26 -17.86 -6.09
N PRO A 155 -6.25 -18.47 -7.28
CA PRO A 155 -4.97 -19.00 -7.79
C PRO A 155 -3.84 -18.00 -7.81
N VAL A 156 -4.12 -16.72 -8.00
CA VAL A 156 -3.07 -15.71 -8.00
C VAL A 156 -2.39 -15.65 -6.64
N LEU A 157 -3.19 -15.62 -5.57
CA LEU A 157 -2.62 -15.57 -4.23
C LEU A 157 -1.98 -16.90 -3.84
N HIS A 158 -2.51 -18.02 -4.34
CA HIS A 158 -1.87 -19.31 -4.13
C HIS A 158 -0.47 -19.31 -4.72
N PHE A 159 -0.34 -18.88 -5.98
CA PHE A 159 0.96 -18.64 -6.58
C PHE A 159 1.86 -17.84 -5.65
N LEU A 160 1.37 -16.70 -5.16
CA LEU A 160 2.18 -15.85 -4.31
C LEU A 160 2.60 -16.58 -3.04
N HIS A 161 1.68 -17.35 -2.44
CA HIS A 161 2.01 -18.03 -1.19
C HIS A 161 3.11 -19.07 -1.41
N GLN A 162 3.03 -19.81 -2.53
CA GLN A 162 4.02 -20.84 -2.79
C GLN A 162 5.40 -20.24 -3.06
N TYR A 163 5.45 -19.08 -3.69
CA TYR A 163 6.74 -18.47 -4.01
C TYR A 163 7.35 -17.75 -2.82
N CYS A 164 6.54 -17.02 -2.05
CA CYS A 164 7.06 -16.17 -0.99
C CYS A 164 7.10 -16.84 0.37
N VAL A 165 6.31 -17.89 0.59
CA VAL A 165 6.21 -18.49 1.92
C VAL A 165 6.73 -19.93 1.89
N ILE A 166 6.17 -20.77 1.02
CA ILE A 166 6.42 -22.20 1.11
C ILE A 166 7.82 -22.54 0.61
N HIS A 167 8.24 -21.94 -0.50
CA HIS A 167 9.47 -22.39 -1.16
C HIS A 167 10.66 -22.32 -0.22
N VAL A 168 10.81 -21.19 0.49
CA VAL A 168 11.96 -21.01 1.38
C VAL A 168 11.74 -21.63 2.75
N GLN A 169 10.54 -22.11 3.04
CA GLN A 169 10.22 -22.63 4.38
C GLN A 169 10.43 -24.14 4.49
N ASN A 170 10.32 -24.88 3.39
CA ASN A 170 10.33 -26.34 3.46
C ASN A 170 11.70 -26.97 3.27
N VAL A 171 12.59 -26.36 2.48
CA VAL A 171 13.99 -26.75 2.44
C VAL A 171 14.82 -25.48 2.31
N TYR A 172 16.09 -25.57 2.71
CA TYR A 172 16.97 -24.42 2.61
C TYR A 172 17.13 -24.00 1.16
N ARG A 173 16.94 -22.71 0.89
CA ARG A 173 17.07 -22.15 -0.44
C ARG A 173 18.24 -21.17 -0.45
N ALA A 174 19.27 -21.48 -1.23
CA ALA A 174 20.31 -20.49 -1.50
C ALA A 174 19.85 -19.44 -2.50
N ASP A 175 18.79 -19.72 -3.26
CA ASP A 175 18.23 -18.80 -4.23
C ASP A 175 16.86 -19.34 -4.63
N MET A 176 16.17 -18.62 -5.51
CA MET A 176 14.83 -18.99 -5.93
C MET A 176 14.82 -19.71 -7.27
N SER A 177 15.97 -20.16 -7.77
CA SER A 177 16.06 -20.69 -9.12
C SER A 177 15.39 -22.04 -9.29
N GLU A 178 15.02 -22.72 -8.20
CA GLU A 178 14.40 -24.04 -8.28
C GLU A 178 12.88 -23.99 -8.25
N PHE A 179 12.29 -22.81 -8.14
CA PHE A 179 10.84 -22.72 -8.10
C PHE A 179 10.24 -23.03 -9.47
N PRO A 180 9.18 -23.86 -9.54
CA PRO A 180 8.59 -24.17 -10.84
C PRO A 180 7.81 -23.00 -11.39
N LEU A 181 8.54 -22.01 -11.93
CA LEU A 181 7.92 -20.77 -12.35
C LEU A 181 7.00 -20.98 -13.55
N GLU A 182 7.48 -21.73 -14.55
CA GLU A 182 6.69 -21.89 -15.77
C GLU A 182 5.39 -22.65 -15.49
N GLU A 183 5.44 -23.64 -14.60
CA GLU A 183 4.22 -24.35 -14.23
C GLU A 183 3.16 -23.38 -13.71
N TRP A 184 3.55 -22.48 -12.81
CA TRP A 184 2.59 -21.56 -12.22
C TRP A 184 2.15 -20.50 -13.22
N TRP A 185 3.06 -20.04 -14.08
CA TRP A 185 2.67 -19.12 -15.14
C TRP A 185 1.58 -19.72 -16.00
N ASN A 186 1.73 -20.99 -16.40
CA ASN A 186 0.74 -21.62 -17.25
C ASN A 186 -0.58 -21.82 -16.54
N ARG A 187 -0.55 -22.10 -15.23
CA ARG A 187 -1.80 -22.21 -14.48
C ARG A 187 -2.51 -20.87 -14.42
N MET A 188 -1.76 -19.77 -14.26
CA MET A 188 -2.37 -18.45 -14.25
C MET A 188 -3.11 -18.20 -15.55
N LEU A 189 -2.56 -18.65 -16.68
CA LEU A 189 -3.16 -18.40 -17.98
C LEU A 189 -4.52 -19.07 -18.14
N HIS A 190 -4.79 -20.12 -17.37
CA HIS A 190 -6.01 -20.91 -17.55
C HIS A 190 -6.96 -20.77 -16.36
N ILE A 191 -6.92 -19.63 -15.69
CA ILE A 191 -7.94 -19.31 -14.69
C ILE A 191 -9.23 -18.99 -15.44
N ASN A 192 -10.29 -19.73 -15.14
CA ASN A 192 -11.58 -19.50 -15.79
C ASN A 192 -12.28 -18.30 -15.16
N PRO A 193 -12.43 -17.18 -15.88
CA PRO A 193 -13.09 -16.02 -15.27
C PRO A 193 -14.49 -16.34 -14.77
N ASP A 194 -15.20 -17.27 -15.39
CA ASP A 194 -16.55 -17.62 -14.97
C ASP A 194 -16.59 -18.13 -13.54
N ASP A 195 -15.47 -18.62 -13.00
CA ASP A 195 -15.42 -19.15 -11.65
C ASP A 195 -15.10 -18.10 -10.61
N TYR A 196 -14.75 -16.87 -11.01
CA TYR A 196 -14.31 -15.83 -10.09
C TYR A 196 -14.97 -14.51 -10.42
N ASP A 197 -16.29 -14.53 -10.59
CA ASP A 197 -17.10 -13.33 -10.77
C ASP A 197 -16.74 -12.57 -12.05
N GLY A 198 -16.29 -13.29 -13.08
CA GLY A 198 -15.95 -12.66 -14.33
C GLY A 198 -14.62 -11.94 -14.36
N VAL A 199 -13.80 -12.09 -13.33
CA VAL A 199 -12.51 -11.41 -13.28
C VAL A 199 -11.51 -12.15 -14.15
N LYS A 200 -11.03 -11.49 -15.20
CA LYS A 200 -10.05 -12.06 -16.12
C LYS A 200 -8.66 -11.59 -15.72
N VAL A 201 -7.79 -12.53 -15.40
CA VAL A 201 -6.41 -12.22 -15.00
C VAL A 201 -5.56 -12.13 -16.26
N GLU A 202 -4.93 -10.97 -16.46
CA GLU A 202 -4.04 -10.75 -17.59
C GLU A 202 -2.61 -10.91 -17.10
N MET A 203 -1.91 -11.91 -17.63
CA MET A 203 -0.54 -12.22 -17.24
C MET A 203 0.43 -11.59 -18.22
N SER A 204 1.51 -11.02 -17.70
CA SER A 204 2.52 -10.38 -18.52
C SER A 204 3.88 -10.56 -17.89
N ARG A 205 4.92 -10.51 -18.74
CA ARG A 205 6.30 -10.58 -18.29
C ARG A 205 7.17 -10.01 -19.40
N PRO A 206 8.31 -9.40 -19.06
CA PRO A 206 9.11 -8.73 -20.11
C PRO A 206 9.53 -9.67 -21.22
N SER A 207 9.81 -10.93 -20.91
CA SER A 207 10.28 -11.89 -21.91
C SER A 207 9.81 -13.26 -21.49
N PRO A 208 9.73 -14.21 -22.42
CA PRO A 208 9.30 -15.58 -22.05
C PRO A 208 10.13 -16.18 -20.94
N THR A 209 11.38 -15.76 -20.78
CA THR A 209 12.29 -16.33 -19.80
C THR A 209 12.44 -15.47 -18.54
N SER A 210 11.76 -14.34 -18.47
CA SER A 210 11.93 -13.41 -17.35
C SER A 210 11.09 -13.83 -16.16
N LYS A 211 11.64 -13.58 -14.96
CA LYS A 211 10.94 -13.87 -13.72
C LYS A 211 10.07 -12.72 -13.24
N TRP A 212 10.05 -11.59 -13.97
CA TRP A 212 9.25 -10.43 -13.60
C TRP A 212 7.81 -10.66 -14.08
N ILE A 213 7.10 -11.51 -13.35
CA ILE A 213 5.76 -11.95 -13.73
C ILE A 213 4.74 -11.08 -13.03
N VAL A 214 3.79 -10.53 -13.78
CA VAL A 214 2.78 -9.63 -13.27
C VAL A 214 1.40 -10.19 -13.60
N ALA A 215 0.50 -10.15 -12.62
CA ALA A 215 -0.90 -10.52 -12.79
C ALA A 215 -1.73 -9.25 -12.63
N THR A 216 -2.46 -8.87 -13.67
CA THR A 216 -3.21 -7.62 -13.70
C THR A 216 -4.70 -7.91 -13.74
N VAL A 217 -5.45 -7.20 -12.89
CA VAL A 217 -6.90 -7.30 -12.84
C VAL A 217 -7.46 -5.88 -12.92
N PRO A 218 -8.77 -5.70 -13.10
CA PRO A 218 -9.30 -4.33 -13.27
C PRO A 218 -9.00 -3.39 -12.11
N THR A 219 -8.73 -3.90 -10.91
CA THR A 219 -8.50 -3.05 -9.74
C THR A 219 -7.03 -2.89 -9.41
N GLY A 220 -6.12 -3.53 -10.14
CA GLY A 220 -4.71 -3.38 -9.88
C GLY A 220 -3.94 -4.57 -10.44
N CYS A 221 -2.74 -4.78 -9.87
CA CYS A 221 -1.89 -5.87 -10.32
C CYS A 221 -1.06 -6.38 -9.15
N LEU A 222 -0.46 -7.55 -9.35
CA LEU A 222 0.40 -8.18 -8.35
C LEU A 222 1.68 -8.61 -9.03
N HIS A 223 2.81 -8.07 -8.57
CA HIS A 223 4.13 -8.46 -9.06
C HIS A 223 4.58 -9.64 -8.20
N ILE A 224 4.37 -10.86 -8.72
CA ILE A 224 4.46 -12.06 -7.89
C ILE A 224 5.83 -12.17 -7.25
N THR A 225 6.88 -12.20 -8.09
CA THR A 225 8.23 -12.42 -7.59
C THR A 225 8.81 -11.20 -6.88
N ARG A 226 8.08 -10.09 -6.83
CA ARG A 226 8.45 -8.93 -6.03
C ARG A 226 7.62 -8.81 -4.77
N GLN A 227 6.66 -9.73 -4.54
CA GLN A 227 5.78 -9.67 -3.38
C GLN A 227 5.12 -8.30 -3.24
N THR A 228 4.83 -7.66 -4.37
CA THR A 228 4.34 -6.28 -4.38
C THR A 228 3.03 -6.20 -5.13
N ALA A 229 2.01 -5.67 -4.48
CA ALA A 229 0.72 -5.39 -5.10
C ALA A 229 0.58 -3.88 -5.32
N LEU A 230 -0.17 -3.52 -6.36
CA LEU A 230 -0.31 -2.12 -6.76
C LEU A 230 -1.75 -1.88 -7.21
N HIS A 231 -2.50 -1.12 -6.43
CA HIS A 231 -3.86 -0.75 -6.81
C HIS A 231 -3.82 0.27 -7.95
N THR A 232 -4.78 0.16 -8.86
CA THR A 232 -4.73 0.95 -10.09
C THR A 232 -4.80 2.45 -9.82
N ASN A 233 -5.33 2.86 -8.66
CA ASN A 233 -5.45 4.27 -8.32
C ASN A 233 -4.17 4.87 -7.76
N LEU A 234 -3.21 4.04 -7.35
CA LEU A 234 -2.06 4.51 -6.59
C LEU A 234 -0.79 4.52 -7.44
N PRO A 235 0.16 5.40 -7.11
CA PRO A 235 1.43 5.40 -7.84
C PRO A 235 2.47 4.46 -7.24
N ASP A 236 2.26 4.03 -6.00
CA ASP A 236 3.21 3.21 -5.27
CA ASP A 236 3.22 3.19 -5.29
C ASP A 236 2.52 1.95 -4.76
N GLY A 237 3.24 0.82 -4.83
CA GLY A 237 2.71 -0.46 -4.39
C GLY A 237 2.95 -0.70 -2.92
N ILE A 238 2.70 -1.95 -2.51
CA ILE A 238 2.77 -2.34 -1.10
C ILE A 238 3.20 -3.79 -1.04
N GLU A 239 3.97 -4.12 0.00
CA GLU A 239 4.35 -5.52 0.22
C GLU A 239 3.15 -6.30 0.70
N VAL A 240 2.82 -7.39 -0.01
CA VAL A 240 1.65 -8.17 0.35
C VAL A 240 1.92 -8.97 1.61
N ARG A 241 1.00 -8.89 2.57
CA ARG A 241 1.11 -9.59 3.84
C ARG A 241 0.64 -11.03 3.66
N ILE A 242 1.41 -11.79 2.90
CA ILE A 242 0.99 -13.13 2.48
C ILE A 242 1.32 -14.21 3.50
N HIS A 243 2.35 -14.02 4.33
CA HIS A 243 2.72 -15.04 5.31
C HIS A 243 1.65 -15.28 6.36
N LYS A 244 0.59 -14.46 6.36
CA LYS A 244 -0.41 -14.46 7.42
C LYS A 244 -1.68 -15.18 6.98
N VAL A 245 -1.75 -15.59 5.73
CA VAL A 245 -2.86 -16.37 5.18
C VAL A 245 -2.66 -17.83 5.56
N PRO A 246 -3.60 -18.46 6.24
CA PRO A 246 -3.45 -19.90 6.54
C PRO A 246 -3.39 -20.71 5.25
N ASP A 247 -2.50 -21.71 5.24
CA ASP A 247 -2.31 -22.51 4.05
C ASP A 247 -3.62 -23.09 3.53
N ASP A 248 -4.56 -23.38 4.44
CA ASP A 248 -5.77 -24.10 4.05
C ASP A 248 -6.73 -23.25 3.21
N GLU A 249 -6.59 -21.92 3.25
CA GLU A 249 -7.49 -21.07 2.49
C GLU A 249 -7.46 -21.40 1.00
N PHE A 250 -6.33 -21.92 0.51
CA PHE A 250 -6.17 -22.19 -0.92
C PHE A 250 -6.75 -23.53 -1.34
N LYS A 251 -7.26 -24.33 -0.41
CA LYS A 251 -8.04 -25.51 -0.75
C LYS A 251 -9.51 -25.20 -0.94
N ARG A 252 -9.92 -23.96 -0.68
CA ARG A 252 -11.30 -23.55 -0.89
C ARG A 252 -11.56 -23.30 -2.37
N ARG A 253 -12.71 -23.76 -2.85
CA ARG A 253 -13.02 -23.70 -4.27
C ARG A 253 -13.57 -22.33 -4.67
N ASN A 254 -13.12 -21.85 -5.83
CA ASN A 254 -13.64 -20.61 -6.42
C ASN A 254 -13.65 -19.46 -5.42
N LEU A 255 -12.58 -19.34 -4.66
CA LEU A 255 -12.44 -18.27 -3.67
C LEU A 255 -11.64 -17.13 -4.28
N SER A 256 -12.13 -15.91 -4.08
CA SER A 256 -11.40 -14.70 -4.46
C SER A 256 -10.80 -14.06 -3.22
N PHE A 257 -9.64 -13.43 -3.40
CA PHE A 257 -8.92 -12.77 -2.32
C PHE A 257 -8.81 -11.28 -2.61
N TYR A 258 -8.76 -10.48 -1.55
CA TYR A 258 -8.62 -9.04 -1.64
C TYR A 258 -7.30 -8.63 -1.00
N VAL A 259 -6.49 -7.88 -1.74
CA VAL A 259 -5.22 -7.35 -1.26
C VAL A 259 -5.37 -5.85 -1.10
N CYS A 260 -5.17 -5.36 0.12
CA CYS A 260 -5.27 -3.92 0.36
C CYS A 260 -4.08 -3.21 -0.27
N GLY A 261 -4.37 -2.22 -1.13
CA GLY A 261 -3.32 -1.51 -1.83
C GLY A 261 -2.53 -0.55 -0.96
N GLU A 262 -2.96 -0.30 0.27
CA GLU A 262 -2.29 0.66 1.14
C GLU A 262 -1.56 0.02 2.32
N CYS A 263 -2.02 -1.13 2.82
CA CYS A 263 -1.31 -1.82 3.89
C CYS A 263 -0.93 -3.27 3.57
N GLY A 264 -1.43 -3.83 2.47
CA GLY A 264 -1.00 -5.14 2.03
C GLY A 264 -1.71 -6.31 2.69
N THR A 265 -2.67 -6.05 3.58
CA THR A 265 -3.40 -7.14 4.21
C THR A 265 -4.20 -7.92 3.16
N VAL A 266 -4.25 -9.23 3.32
CA VAL A 266 -5.01 -10.11 2.44
C VAL A 266 -6.28 -10.53 3.15
N ALA A 267 -7.41 -10.47 2.44
CA ALA A 267 -8.70 -10.80 3.01
C ALA A 267 -9.51 -11.63 2.02
N CYS A 268 -10.51 -12.32 2.54
CA CYS A 268 -11.39 -13.14 1.71
C CYS A 268 -12.69 -13.36 2.48
N ASP A 269 -13.71 -13.79 1.75
CA ASP A 269 -15.00 -14.07 2.37
C ASP A 269 -14.87 -15.22 3.37
N GLY A 270 -15.59 -15.12 4.49
CA GLY A 270 -15.54 -16.15 5.49
C GLY A 270 -16.11 -17.47 5.00
N ARG A 271 -15.66 -18.55 5.63
CA ARG A 271 -16.08 -19.89 5.26
C ARG A 271 -17.54 -20.14 5.63
N ILE B 10 24.68 -9.72 -12.71
CA ILE B 10 23.90 -10.20 -13.84
C ILE B 10 22.55 -9.51 -13.87
N ASP B 11 22.40 -8.53 -14.77
CA ASP B 11 21.13 -7.83 -14.88
C ASP B 11 20.03 -8.75 -15.40
N ASP B 12 20.39 -9.85 -16.04
CA ASP B 12 19.49 -10.97 -16.21
C ASP B 12 18.34 -10.65 -17.16
N GLU B 13 17.44 -11.62 -17.36
CA GLU B 13 16.39 -11.51 -18.36
C GLU B 13 15.33 -10.49 -17.98
N ASP B 14 15.28 -10.04 -16.73
CA ASP B 14 14.29 -9.08 -16.32
C ASP B 14 14.57 -7.68 -16.87
N THR B 15 15.79 -7.43 -17.33
CA THR B 15 16.14 -6.14 -17.88
C THR B 15 15.83 -6.01 -19.37
N TYR B 16 15.57 -7.12 -20.06
CA TYR B 16 15.28 -7.08 -21.49
C TYR B 16 13.93 -6.42 -21.72
N GLY B 17 13.91 -5.34 -22.48
CA GLY B 17 12.69 -4.62 -22.76
C GLY B 17 12.16 -3.78 -21.62
N THR B 18 12.88 -3.71 -20.50
CA THR B 18 12.44 -2.94 -19.35
C THR B 18 13.35 -1.79 -18.99
N ARG B 19 14.64 -1.84 -19.35
CA ARG B 19 15.55 -0.76 -19.03
C ARG B 19 15.00 0.56 -19.57
N GLY B 20 15.09 1.59 -18.74
CA GLY B 20 14.51 2.88 -19.07
C GLY B 20 13.16 3.08 -18.43
N THR B 21 12.39 4.00 -19.02
CA THR B 21 11.11 4.41 -18.45
C THR B 21 9.98 4.39 -19.47
N SER B 22 10.15 3.67 -20.58
CA SER B 22 9.16 3.65 -21.64
C SER B 22 8.12 2.55 -21.48
N ASN B 23 8.34 1.60 -20.58
CA ASN B 23 7.39 0.50 -20.34
C ASN B 23 6.60 0.76 -19.07
N ILE B 24 5.82 1.84 -19.10
CA ILE B 24 4.94 2.21 -18.00
C ILE B 24 3.52 2.21 -18.53
N PRO B 25 2.64 1.32 -18.07
CA PRO B 25 1.29 1.25 -18.65
C PRO B 25 0.37 2.31 -18.09
N MET B 26 -0.56 2.74 -18.94
CA MET B 26 -1.63 3.63 -18.53
C MET B 26 -2.61 2.86 -17.67
N ARG B 27 -2.67 3.20 -16.38
CA ARG B 27 -3.52 2.47 -15.45
C ARG B 27 -4.73 3.32 -15.09
N PRO B 28 -5.95 2.79 -15.21
CA PRO B 28 -7.13 3.62 -14.96
C PRO B 28 -7.23 4.05 -13.52
N PHE B 29 -7.74 5.27 -13.32
CA PHE B 29 -8.07 5.79 -11.99
C PHE B 29 -9.55 5.58 -11.76
N ILE B 30 -9.90 4.78 -10.76
CA ILE B 30 -11.30 4.48 -10.45
C ILE B 30 -11.80 5.61 -9.56
N LYS B 31 -12.60 6.51 -10.14
CA LYS B 31 -12.90 7.78 -9.48
C LYS B 31 -13.87 7.61 -8.32
N ASP B 32 -14.83 6.68 -8.42
CA ASP B 32 -15.80 6.54 -7.35
C ASP B 32 -15.20 5.95 -6.07
N LEU B 33 -13.99 5.42 -6.13
CA LEU B 33 -13.29 5.01 -4.91
C LEU B 33 -12.61 6.19 -4.21
N ALA B 34 -12.42 7.30 -4.92
CA ALA B 34 -11.73 8.48 -4.39
C ALA B 34 -12.39 9.73 -4.96
N PRO B 35 -13.68 9.92 -4.66
CA PRO B 35 -14.45 10.97 -5.37
C PRO B 35 -13.97 12.38 -5.11
N THR B 36 -13.22 12.62 -4.03
CA THR B 36 -12.70 13.96 -3.74
C THR B 36 -11.23 14.10 -4.10
N MET B 37 -10.65 13.08 -4.76
CA MET B 37 -9.22 13.11 -5.05
C MET B 37 -8.86 14.30 -5.94
N LEU B 38 -9.57 14.47 -7.06
CA LEU B 38 -9.19 15.49 -8.02
C LEU B 38 -9.28 16.90 -7.43
N GLN B 39 -10.18 17.10 -6.47
CA GLN B 39 -10.27 18.42 -5.84
C GLN B 39 -9.07 18.69 -4.94
N LEU B 40 -8.60 17.69 -4.21
CA LEU B 40 -7.39 17.88 -3.40
C LEU B 40 -6.21 18.22 -4.29
N LEU B 41 -5.97 17.42 -5.34
CA LEU B 41 -4.86 17.68 -6.23
C LEU B 41 -4.94 19.09 -6.80
N ARG B 42 -6.14 19.53 -7.17
CA ARG B 42 -6.31 20.87 -7.72
C ARG B 42 -6.03 21.94 -6.67
N GLN B 43 -6.48 21.71 -5.43
CA GLN B 43 -6.43 22.72 -4.39
C GLN B 43 -5.13 22.72 -3.59
N ASP B 44 -4.30 21.69 -3.73
CA ASP B 44 -3.16 21.53 -2.83
C ASP B 44 -2.15 22.65 -3.04
N LYS B 45 -1.54 23.10 -1.95
CA LYS B 45 -0.61 24.22 -1.94
C LYS B 45 0.76 23.77 -1.48
N THR B 46 1.73 24.67 -1.57
CA THR B 46 3.11 24.40 -1.23
C THR B 46 3.53 25.22 -0.02
N ASP B 47 4.52 24.70 0.72
CA ASP B 47 5.20 25.51 1.72
C ASP B 47 6.07 26.55 1.02
N SER B 48 6.25 27.69 1.67
CA SER B 48 6.90 28.84 1.06
C SER B 48 8.37 28.86 1.50
N GLU B 49 9.20 28.14 0.75
CA GLU B 49 10.64 28.12 0.95
C GLU B 49 11.30 28.11 -0.43
N LYS B 50 12.62 28.02 -0.44
CA LYS B 50 13.34 27.97 -1.71
C LYS B 50 13.11 26.63 -2.38
N PRO B 51 12.53 26.58 -3.59
CA PRO B 51 12.35 25.29 -4.27
C PRO B 51 13.70 24.60 -4.52
N GLN B 52 13.67 23.28 -4.49
CA GLN B 52 14.85 22.46 -4.71
C GLN B 52 14.71 21.69 -6.01
N SER B 53 15.80 21.58 -6.75
CA SER B 53 15.79 20.82 -7.99
C SER B 53 15.77 19.32 -7.69
N ALA B 54 15.06 18.57 -8.54
CA ALA B 54 14.98 17.13 -8.38
C ALA B 54 14.71 16.51 -9.75
N LEU B 55 15.30 15.35 -9.99
CA LEU B 55 15.07 14.58 -11.20
C LEU B 55 13.82 13.72 -11.01
N CYS B 56 12.82 13.92 -11.87
CA CYS B 56 11.52 13.31 -11.69
C CYS B 56 11.11 12.55 -12.95
N THR B 57 10.32 11.49 -12.74
CA THR B 57 9.81 10.64 -13.81
C THR B 57 8.30 10.53 -13.65
N VAL B 58 7.58 10.72 -14.76
CA VAL B 58 6.12 10.59 -14.74
C VAL B 58 5.78 9.11 -14.61
N VAL B 59 5.08 8.76 -13.54
CA VAL B 59 4.70 7.37 -13.27
C VAL B 59 3.20 7.17 -13.20
N GLN B 60 2.40 8.24 -13.15
CA GLN B 60 0.95 8.13 -13.10
C GLN B 60 0.35 9.39 -13.69
N LYS B 61 -0.76 9.23 -14.42
CA LYS B 61 -1.46 10.36 -15.02
C LYS B 61 -2.94 10.28 -14.66
N ILE B 62 -3.47 11.37 -14.12
CA ILE B 62 -4.86 11.44 -13.69
C ILE B 62 -5.46 12.76 -14.16
N ASP B 63 -6.23 12.70 -15.24
CA ASP B 63 -6.94 13.84 -15.82
C ASP B 63 -6.43 15.19 -15.32
N GLY B 64 -5.45 15.75 -16.01
CA GLY B 64 -4.92 17.05 -15.65
C GLY B 64 -3.86 17.05 -14.56
N PHE B 65 -3.42 15.89 -14.11
CA PHE B 65 -2.42 15.80 -13.05
C PHE B 65 -1.52 14.60 -13.31
N ALA B 66 -0.33 14.65 -12.72
CA ALA B 66 0.62 13.53 -12.80
C ALA B 66 1.33 13.40 -11.46
N ILE B 67 1.65 12.16 -11.12
CA ILE B 67 2.52 11.85 -9.99
C ILE B 67 3.88 11.46 -10.54
N LEU B 68 4.94 12.00 -9.94
CA LEU B 68 6.30 11.77 -10.40
C LEU B 68 7.10 11.06 -9.33
N TYR B 69 7.94 10.12 -9.74
CA TYR B 69 8.91 9.51 -8.85
C TYR B 69 10.22 10.27 -8.92
N THR B 70 10.89 10.40 -7.77
CA THR B 70 12.23 10.98 -7.72
C THR B 70 13.03 10.25 -6.65
N ALA B 71 14.31 10.00 -6.95
CA ALA B 71 15.22 9.41 -6.00
C ALA B 71 15.78 10.40 -4.99
N LYS B 72 15.37 11.67 -5.07
CA LYS B 72 15.89 12.68 -4.15
C LYS B 72 15.54 12.32 -2.71
N ARG B 73 16.50 12.49 -1.82
CA ARG B 73 16.33 12.11 -0.43
C ARG B 73 15.14 12.81 0.19
N ASP B 74 14.39 12.07 1.01
CA ASP B 74 13.28 12.60 1.81
C ASP B 74 12.15 13.15 0.94
N VAL B 75 12.06 12.71 -0.32
CA VAL B 75 10.94 13.02 -1.19
C VAL B 75 10.27 11.70 -1.56
N ILE B 76 8.99 11.56 -1.20
CA ILE B 76 8.21 10.40 -1.60
C ILE B 76 7.16 10.84 -2.60
N ASN B 77 7.56 10.91 -3.88
CA ASN B 77 6.69 11.27 -4.99
C ASN B 77 6.37 12.76 -5.02
N VAL B 78 6.06 13.26 -6.22
CA VAL B 78 5.83 14.68 -6.48
C VAL B 78 4.55 14.82 -7.29
N LEU B 79 3.67 15.71 -6.85
CA LEU B 79 2.47 16.03 -7.62
C LEU B 79 2.78 17.08 -8.67
N LEU B 80 2.34 16.85 -9.89
CA LEU B 80 2.44 17.82 -10.98
C LEU B 80 1.03 18.30 -11.32
N GLN B 81 0.78 19.58 -11.09
CA GLN B 81 -0.48 20.22 -11.45
C GLN B 81 -0.29 20.92 -12.79
N GLU B 82 -0.84 20.32 -13.84
CA GLU B 82 -0.63 20.84 -15.19
C GLU B 82 -0.99 22.31 -15.29
N ARG B 83 -1.96 22.77 -14.51
CA ARG B 83 -2.45 24.15 -14.60
C ARG B 83 -1.62 25.13 -13.80
N SER B 84 -0.85 24.67 -12.82
CA SER B 84 -0.06 25.54 -11.95
C SER B 84 1.43 25.47 -12.23
N CYS B 85 1.95 24.30 -12.59
CA CYS B 85 3.37 24.16 -12.86
C CYS B 85 3.80 25.03 -14.03
N GLU B 86 4.94 25.69 -13.88
CA GLU B 86 5.52 26.49 -14.94
C GLU B 86 6.46 25.65 -15.80
N GLY B 87 6.69 26.11 -17.03
CA GLY B 87 7.67 25.51 -17.90
C GLY B 87 7.19 24.36 -18.76
N LEU B 88 5.91 24.02 -18.71
CA LEU B 88 5.39 22.87 -19.43
C LEU B 88 5.06 23.24 -20.86
N GLU B 89 5.63 22.51 -21.82
CA GLU B 89 5.32 22.70 -23.23
C GLU B 89 4.09 21.92 -23.66
N ARG B 90 3.76 20.83 -22.96
CA ARG B 90 2.65 19.97 -23.33
C ARG B 90 2.28 19.14 -22.11
N SER B 91 1.18 18.41 -22.22
CA SER B 91 0.76 17.55 -21.13
C SER B 91 1.81 16.46 -20.90
N PRO B 92 2.16 16.16 -19.65
CA PRO B 92 3.17 15.12 -19.41
C PRO B 92 2.76 13.78 -19.98
N GLN B 93 3.75 12.95 -20.26
CA GLN B 93 3.54 11.60 -20.76
C GLN B 93 4.25 10.61 -19.86
N LEU B 94 3.65 9.43 -19.71
CA LEU B 94 4.23 8.40 -18.87
C LEU B 94 5.66 8.11 -19.31
N GLY B 95 6.58 8.06 -18.34
CA GLY B 95 7.97 7.83 -18.62
C GLY B 95 8.79 9.06 -18.89
N ASP B 96 8.16 10.23 -19.04
CA ASP B 96 8.89 11.47 -19.22
C ASP B 96 9.82 11.70 -18.03
N VAL B 97 11.07 12.06 -18.32
CA VAL B 97 12.07 12.36 -17.30
C VAL B 97 12.58 13.77 -17.52
N ALA B 98 12.55 14.59 -16.48
CA ALA B 98 13.04 15.96 -16.56
C ALA B 98 13.30 16.46 -15.15
N PHE B 99 14.02 17.58 -15.06
CA PHE B 99 14.32 18.23 -13.79
C PHE B 99 13.20 19.21 -13.45
N PHE B 100 12.76 19.18 -12.19
CA PHE B 100 11.74 20.10 -11.69
C PHE B 100 12.22 20.76 -10.41
N ASP B 101 11.82 22.02 -10.25
CA ASP B 101 11.88 22.66 -8.94
C ASP B 101 10.65 22.23 -8.15
N ILE B 102 10.85 21.78 -6.91
CA ILE B 102 9.77 21.23 -6.10
C ILE B 102 9.78 21.86 -4.72
N LEU B 103 8.64 21.75 -4.04
CA LEU B 103 8.45 22.25 -2.69
C LEU B 103 7.61 21.24 -1.91
N PRO B 104 7.73 21.19 -0.59
CA PRO B 104 6.85 20.33 0.19
C PRO B 104 5.42 20.85 0.15
N ARG B 105 4.47 19.92 0.10
CA ARG B 105 3.07 20.32 0.16
C ARG B 105 2.74 20.88 1.53
N ARG B 106 1.79 21.80 1.56
CA ARG B 106 1.36 22.42 2.81
C ARG B 106 0.47 21.46 3.58
N ILE B 107 0.84 21.19 4.83
CA ILE B 107 0.06 20.28 5.67
C ILE B 107 -1.20 21.00 6.14
N GLU B 108 -2.33 20.31 6.06
CA GLU B 108 -3.62 20.86 6.46
C GLU B 108 -4.24 19.96 7.52
N THR B 109 -5.12 20.56 8.33
CA THR B 109 -5.83 19.79 9.34
C THR B 109 -6.63 18.65 8.70
N LYS B 110 -7.18 18.90 7.52
CA LYS B 110 -7.97 17.89 6.82
C LYS B 110 -7.17 16.62 6.58
N ASP B 111 -5.84 16.72 6.47
CA ASP B 111 -5.03 15.56 6.10
C ASP B 111 -5.31 14.36 7.00
N ARG B 112 -5.51 14.60 8.29
CA ARG B 112 -5.76 13.51 9.22
C ARG B 112 -7.08 12.80 8.98
N LEU B 113 -8.00 13.43 8.24
CA LEU B 113 -9.39 12.99 8.17
C LEU B 113 -9.76 12.30 6.87
N ILE B 114 -8.83 12.21 5.92
CA ILE B 114 -9.16 11.75 4.57
C ILE B 114 -8.17 10.66 4.17
N PHE B 115 -8.35 10.17 2.94
CA PHE B 115 -7.48 9.16 2.36
C PHE B 115 -6.01 9.52 2.48
N LYS B 116 -5.14 8.53 2.41
CA LYS B 116 -3.71 8.78 2.43
C LYS B 116 -3.29 9.54 1.18
N ILE B 117 -2.44 10.55 1.35
CA ILE B 117 -1.99 11.41 0.27
C ILE B 117 -0.69 10.81 -0.30
N PRO B 118 -0.65 10.40 -1.57
CA PRO B 118 0.47 9.60 -2.03
C PRO B 118 1.67 10.40 -2.54
N TYR B 119 1.82 11.63 -2.06
CA TYR B 119 2.96 12.45 -2.45
C TYR B 119 3.28 13.42 -1.31
N THR B 120 4.56 13.82 -1.24
CA THR B 120 5.00 14.76 -0.23
C THR B 120 5.35 16.13 -0.79
N HIS B 121 5.64 16.23 -2.09
CA HIS B 121 6.09 17.47 -2.70
C HIS B 121 5.24 17.78 -3.93
N ILE B 122 5.37 19.01 -4.40
CA ILE B 122 4.63 19.50 -5.56
C ILE B 122 5.61 20.23 -6.48
N ALA B 123 5.49 19.97 -7.78
CA ALA B 123 6.35 20.60 -8.76
C ALA B 123 5.90 22.04 -9.00
N VAL B 124 6.86 22.97 -8.99
CA VAL B 124 6.56 24.36 -9.24
C VAL B 124 7.00 24.82 -10.62
N LYS B 125 8.02 24.19 -11.21
CA LYS B 125 8.50 24.56 -12.53
C LYS B 125 9.29 23.40 -13.12
N LYS B 126 9.12 23.18 -14.41
CA LYS B 126 9.96 22.26 -15.16
C LYS B 126 11.18 23.04 -15.65
N LYS B 127 12.35 22.71 -15.12
CA LYS B 127 13.55 23.44 -15.49
C LYS B 127 13.86 23.22 -16.98
N PRO B 128 14.23 24.26 -17.70
CA PRO B 128 14.64 24.06 -19.10
C PRO B 128 15.85 23.13 -19.17
N ASP B 129 15.89 22.34 -20.23
CA ASP B 129 16.94 21.35 -20.39
C ASP B 129 18.19 21.97 -20.99
N THR B 130 19.34 21.61 -20.43
CA THR B 130 20.64 22.04 -20.91
C THR B 130 21.44 20.83 -21.38
N PRO B 131 22.46 21.03 -22.21
CA PRO B 131 23.27 19.88 -22.65
C PRO B 131 23.77 19.01 -21.53
N ASP B 132 24.02 19.58 -20.34
CA ASP B 132 24.48 18.77 -19.22
C ASP B 132 23.34 18.00 -18.59
N SER B 133 22.19 18.65 -18.35
CA SER B 133 21.07 17.96 -17.73
C SER B 133 20.56 16.84 -18.62
N LEU B 134 20.55 17.04 -19.94
CA LEU B 134 20.15 15.97 -20.84
C LEU B 134 21.07 14.76 -20.71
N LEU B 135 22.33 14.98 -20.35
CA LEU B 135 23.23 13.86 -20.10
C LEU B 135 22.87 13.15 -18.79
N LYS B 136 22.51 13.92 -17.76
CA LYS B 136 22.09 13.31 -16.51
C LYS B 136 20.77 12.56 -16.67
N ILE B 137 19.89 13.03 -17.55
CA ILE B 137 18.61 12.36 -17.75
C ILE B 137 18.82 11.00 -18.40
N ASP B 138 19.63 10.94 -19.45
CA ASP B 138 19.93 9.67 -20.09
C ASP B 138 20.63 8.72 -19.12
N CYS B 139 21.55 9.25 -18.31
CA CYS B 139 22.20 8.43 -17.30
C CYS B 139 21.16 7.76 -16.39
N PHE B 140 20.22 8.55 -15.88
CA PHE B 140 19.19 8.01 -15.00
C PHE B 140 18.40 6.91 -15.69
N LYS B 141 17.98 7.16 -16.93
CA LYS B 141 17.20 6.16 -17.65
C LYS B 141 17.95 4.84 -17.76
N ASN B 142 19.27 4.90 -17.96
CA ASN B 142 20.08 3.69 -18.05
C ASN B 142 20.18 2.95 -16.72
N SER B 143 19.89 3.62 -15.60
CA SER B 143 20.08 3.04 -14.28
C SER B 143 18.82 2.45 -13.68
N VAL B 144 17.67 2.61 -14.34
CA VAL B 144 16.41 2.08 -13.83
C VAL B 144 15.79 1.18 -14.89
N ARG B 145 14.71 0.50 -14.50
CA ARG B 145 13.97 -0.37 -15.39
C ARG B 145 12.54 -0.43 -14.90
N CYS B 146 11.59 -0.43 -15.85
CA CYS B 146 10.17 -0.30 -15.53
C CYS B 146 9.36 -1.37 -16.24
N PHE B 147 8.35 -1.88 -15.54
CA PHE B 147 7.45 -2.87 -16.09
C PHE B 147 6.24 -3.00 -15.16
N GLY B 148 5.08 -3.19 -15.77
CA GLY B 148 3.85 -3.49 -15.04
C GLY B 148 3.42 -2.41 -14.06
N GLY B 149 4.01 -1.23 -14.17
CA GLY B 149 3.70 -0.14 -13.28
C GLY B 149 4.68 0.06 -12.13
N VAL B 150 5.74 -0.74 -12.07
CA VAL B 150 6.71 -0.66 -10.98
C VAL B 150 8.07 -0.28 -11.54
N LEU B 151 8.74 0.64 -10.86
CA LEU B 151 10.10 1.05 -11.21
C LEU B 151 11.10 0.32 -10.31
N GLU B 152 12.23 -0.07 -10.89
CA GLU B 152 13.34 -0.65 -10.15
C GLU B 152 14.63 0.05 -10.53
N MET B 153 15.57 0.10 -9.57
CA MET B 153 16.84 0.77 -9.76
C MET B 153 17.97 -0.16 -9.33
N LYS B 154 19.01 -0.25 -10.15
CA LYS B 154 20.18 -1.04 -9.81
C LYS B 154 21.09 -0.22 -8.90
N VAL B 155 21.53 -0.82 -7.80
CA VAL B 155 22.36 -0.13 -6.82
C VAL B 155 23.46 -1.07 -6.36
N LYS B 156 24.52 -0.46 -5.82
CA LYS B 156 25.59 -1.19 -5.16
C LYS B 156 25.76 -0.62 -3.75
N ILE B 157 25.78 -1.50 -2.75
CA ILE B 157 26.07 -1.12 -1.38
C ILE B 157 27.51 -1.54 -1.10
N ALA B 158 28.37 -0.55 -0.84
CA ALA B 158 29.81 -0.80 -0.66
C ALA B 158 30.10 -1.17 0.80
N LEU B 159 29.53 -2.30 1.22
CA LEU B 159 29.72 -2.74 2.60
C LEU B 159 31.18 -3.05 2.91
N SER B 160 31.98 -3.38 1.91
CA SER B 160 33.37 -3.75 2.13
C SER B 160 34.31 -2.56 2.23
N LYS B 161 33.79 -1.33 2.12
CA LYS B 161 34.65 -0.15 2.20
C LYS B 161 34.48 0.53 3.56
N PRO B 162 35.47 1.35 3.96
CA PRO B 162 35.47 1.86 5.33
C PRO B 162 34.27 2.72 5.71
N GLU B 163 33.68 3.44 4.77
CA GLU B 163 32.59 4.36 5.12
C GLU B 163 31.36 3.57 5.56
N LEU B 164 30.77 3.99 6.67
CA LEU B 164 29.55 3.37 7.19
C LEU B 164 28.40 3.64 6.24
N VAL B 165 27.76 2.58 5.74
CA VAL B 165 26.64 2.73 4.82
C VAL B 165 25.47 1.89 5.31
N VAL B 166 25.42 1.61 6.60
CA VAL B 166 24.36 0.79 7.20
C VAL B 166 23.80 1.49 8.43
N GLU B 167 22.49 1.41 8.59
CA GLU B 167 21.78 1.98 9.72
C GLU B 167 20.60 1.08 10.03
N GLN B 168 20.38 0.79 11.31
CA GLN B 168 19.21 0.03 11.69
C GLN B 168 18.00 0.96 11.80
N TYR B 169 16.85 0.47 11.35
CA TYR B 169 15.59 1.20 11.46
C TYR B 169 14.51 0.24 11.93
N HIS B 170 13.88 0.57 13.04
CA HIS B 170 12.74 -0.17 13.56
C HIS B 170 11.51 0.73 13.51
N ASP B 171 10.40 0.21 13.01
CA ASP B 171 9.15 0.95 12.87
C ASP B 171 8.10 0.28 13.75
N ASN B 172 7.70 0.96 14.83
CA ASN B 172 6.68 0.45 15.72
C ASN B 172 5.27 0.78 15.27
N THR B 173 5.09 1.14 13.99
CA THR B 173 3.76 1.39 13.46
C THR B 173 2.87 0.19 13.76
N GLU B 174 1.58 0.47 13.94
CA GLU B 174 0.61 -0.52 14.39
C GLU B 174 0.82 -1.90 13.78
N MET B 175 1.11 -1.95 12.49
CA MET B 175 1.12 -3.21 11.76
C MET B 175 2.52 -3.76 11.48
N ASN B 176 3.57 -2.96 11.68
CA ASN B 176 4.94 -3.40 11.42
C ASN B 176 5.80 -3.33 12.66
N SER B 177 5.22 -3.60 13.83
CA SER B 177 5.94 -3.40 15.09
C SER B 177 7.15 -4.31 15.19
N ASP B 178 7.01 -5.59 14.84
CA ASP B 178 8.10 -6.55 15.01
C ASP B 178 8.89 -6.77 13.72
N HIS B 179 8.81 -5.85 12.77
CA HIS B 179 9.63 -5.89 11.57
C HIS B 179 10.79 -4.92 11.72
N HIS B 180 12.01 -5.42 11.55
CA HIS B 180 13.22 -4.62 11.67
C HIS B 180 13.96 -4.62 10.34
N PHE B 181 14.55 -3.47 10.01
CA PHE B 181 15.19 -3.27 8.73
C PHE B 181 16.53 -2.57 8.91
N TYR B 182 17.37 -2.69 7.88
CA TYR B 182 18.54 -1.85 7.70
C TYR B 182 18.26 -0.82 6.61
N TYR B 183 18.68 0.41 6.84
CA TYR B 183 18.84 1.39 5.76
C TYR B 183 20.25 1.21 5.20
N LEU B 184 20.35 0.97 3.89
CA LEU B 184 21.63 0.83 3.22
C LEU B 184 21.83 2.00 2.27
N LYS B 185 23.02 2.59 2.29
CA LYS B 185 23.37 3.72 1.43
C LYS B 185 24.18 3.21 0.24
N ALA B 186 23.64 3.42 -0.96
CA ALA B 186 24.28 2.95 -2.18
C ALA B 186 25.34 3.94 -2.65
N THR B 187 26.19 3.48 -3.57
CA THR B 187 27.27 4.32 -4.07
C THR B 187 26.76 5.54 -4.80
N ASN B 188 25.56 5.46 -5.39
CA ASN B 188 24.97 6.59 -6.08
C ASN B 188 24.19 7.52 -5.14
N GLY B 189 24.16 7.23 -3.84
CA GLY B 189 23.63 8.13 -2.86
C GLY B 189 22.23 7.83 -2.37
N VAL B 190 21.49 6.95 -3.05
CA VAL B 190 20.12 6.65 -2.62
C VAL B 190 20.15 5.72 -1.42
N LEU B 191 19.08 5.76 -0.64
CA LEU B 191 18.86 4.84 0.46
C LEU B 191 17.93 3.71 0.02
N VAL B 192 18.22 2.50 0.49
CA VAL B 192 17.39 1.34 0.24
C VAL B 192 17.23 0.58 1.55
N THR B 193 16.13 -0.18 1.64
CA THR B 193 15.86 -0.99 2.82
C THR B 193 16.14 -2.46 2.53
N ILE B 194 16.40 -3.21 3.60
CA ILE B 194 16.52 -4.66 3.55
C ILE B 194 16.06 -5.21 4.89
N PRO B 195 15.32 -6.32 4.93
CA PRO B 195 14.98 -6.91 6.22
C PRO B 195 16.24 -7.27 6.99
N LYS B 196 16.28 -6.86 8.26
CA LYS B 196 17.50 -7.03 9.06
C LYS B 196 17.95 -8.48 9.08
N GLU B 197 17.03 -9.41 9.32
CA GLU B 197 17.40 -10.81 9.45
C GLU B 197 18.04 -11.36 8.18
N ARG B 198 17.82 -10.73 7.03
CA ARG B 198 18.39 -11.24 5.79
C ARG B 198 19.88 -10.90 5.65
N LEU B 199 20.37 -9.89 6.37
CA LEU B 199 21.74 -9.43 6.23
C LEU B 199 22.54 -9.46 7.52
N LEU B 200 21.88 -9.59 8.68
CA LEU B 200 22.56 -9.44 9.95
C LEU B 200 23.77 -10.36 10.06
N ASN B 201 23.58 -11.64 9.74
CA ASN B 201 24.63 -12.62 9.96
C ASN B 201 25.78 -12.53 8.96
N HIS B 202 25.71 -11.60 8.00
CA HIS B 202 26.81 -11.37 7.07
C HIS B 202 27.61 -10.12 7.40
N LEU B 203 27.24 -9.40 8.45
CA LEU B 203 27.94 -8.19 8.86
C LEU B 203 28.78 -8.46 10.09
N ASN B 204 29.83 -7.66 10.25
CA ASN B 204 30.64 -7.68 11.46
C ASN B 204 30.03 -6.71 12.47
N SER B 205 30.70 -6.51 13.61
CA SER B 205 30.17 -5.66 14.66
C SER B 205 30.15 -4.18 14.27
N LYS B 206 30.90 -3.80 13.24
CA LYS B 206 30.90 -2.43 12.75
C LYS B 206 29.99 -2.26 11.53
N LEU B 207 29.10 -3.23 11.30
CA LEU B 207 28.12 -3.16 10.21
C LEU B 207 28.78 -2.99 8.84
N SER B 208 30.00 -3.47 8.70
CA SER B 208 30.63 -3.65 7.40
C SER B 208 30.71 -5.15 7.11
N ALA B 209 31.39 -5.50 6.03
CA ALA B 209 31.49 -6.89 5.61
C ALA B 209 32.66 -7.03 4.65
N ASP B 210 32.89 -8.25 4.17
CA ASP B 210 33.92 -8.53 3.18
C ASP B 210 33.36 -8.72 1.79
N PHE B 211 32.21 -8.10 1.51
CA PHE B 211 31.61 -8.17 0.18
C PHE B 211 30.80 -6.89 -0.05
N ASP B 212 30.50 -6.64 -1.31
CA ASP B 212 29.58 -5.58 -1.70
C ASP B 212 28.26 -6.21 -2.15
N LEU B 213 27.18 -5.46 -2.00
CA LEU B 213 25.84 -5.95 -2.29
C LEU B 213 25.31 -5.25 -3.54
N ILE B 214 24.93 -6.02 -4.55
CA ILE B 214 24.42 -5.52 -5.80
C ILE B 214 23.00 -6.03 -5.99
N ALA B 215 22.09 -5.16 -6.42
CA ALA B 215 20.70 -5.57 -6.54
C ALA B 215 19.91 -4.52 -7.30
N TRP B 216 18.91 -5.01 -8.04
CA TRP B 216 17.83 -4.15 -8.52
C TRP B 216 16.80 -4.02 -7.42
N VAL B 217 16.62 -2.80 -6.90
CA VAL B 217 15.71 -2.57 -5.79
C VAL B 217 14.40 -2.04 -6.32
N VAL B 218 13.32 -2.30 -5.59
CA VAL B 218 11.96 -1.99 -6.02
C VAL B 218 11.51 -0.69 -5.37
N HIS B 219 10.85 0.17 -6.14
CA HIS B 219 10.20 1.36 -5.61
C HIS B 219 8.77 1.00 -5.23
N ARG B 220 8.40 1.30 -3.99
CA ARG B 220 7.03 1.11 -3.52
C ARG B 220 6.88 1.92 -2.24
N LYS B 221 5.78 1.72 -1.54
CA LYS B 221 5.48 2.57 -0.40
C LYS B 221 6.62 2.49 0.62
N PRO B 222 6.90 3.60 1.31
CA PRO B 222 8.17 3.69 2.05
C PRO B 222 8.11 3.02 3.43
N ILE B 223 9.30 2.64 3.89
CA ILE B 223 9.54 2.32 5.29
C ILE B 223 10.26 3.52 5.87
N GLY B 224 9.60 4.25 6.77
CA GLY B 224 10.11 5.55 7.14
C GLY B 224 10.05 6.48 5.94
N ASN B 225 11.19 7.03 5.56
CA ASN B 225 11.29 7.91 4.40
C ASN B 225 12.02 7.26 3.23
N VAL B 226 12.26 5.95 3.28
CA VAL B 226 13.01 5.25 2.25
C VAL B 226 12.02 4.41 1.45
N SER B 227 12.03 4.61 0.12
CA SER B 227 11.04 4.00 -0.75
C SER B 227 11.63 3.01 -1.74
N LEU B 228 12.90 2.64 -1.57
CA LEU B 228 13.53 1.60 -2.36
C LEU B 228 13.85 0.41 -1.45
N HIS B 229 13.57 -0.80 -1.95
CA HIS B 229 13.57 -1.98 -1.10
C HIS B 229 14.17 -3.18 -1.81
N ILE B 230 14.92 -3.98 -1.05
CA ILE B 230 15.41 -5.27 -1.56
C ILE B 230 14.42 -6.39 -1.27
N GLY B 231 13.75 -6.32 -0.13
CA GLY B 231 12.73 -7.29 0.20
C GLY B 231 13.29 -8.60 0.72
N LYS B 232 12.37 -9.50 1.09
CA LYS B 232 12.77 -10.80 1.62
C LYS B 232 13.40 -11.66 0.53
N GLY B 233 12.80 -11.69 -0.66
CA GLY B 233 13.22 -12.61 -1.70
C GLY B 233 13.78 -11.93 -2.93
N GLY B 234 13.98 -10.61 -2.86
CA GLY B 234 14.50 -9.90 -4.01
C GLY B 234 15.90 -10.39 -4.37
N GLU B 235 16.13 -10.54 -5.67
CA GLU B 235 17.44 -10.96 -6.15
C GLU B 235 18.50 -9.95 -5.75
N ALA B 236 19.51 -10.42 -5.01
CA ALA B 236 20.63 -9.59 -4.59
C ALA B 236 21.90 -10.44 -4.59
N TYR B 237 23.02 -9.79 -4.86
CA TYR B 237 24.27 -10.49 -5.16
C TYR B 237 25.39 -10.00 -4.26
N GLN B 238 26.08 -10.94 -3.63
CA GLN B 238 27.26 -10.64 -2.84
C GLN B 238 28.50 -10.73 -3.72
N GLN B 239 29.18 -9.61 -3.91
CA GLN B 239 30.43 -9.55 -4.66
C GLN B 239 31.57 -9.53 -3.64
N PHE B 240 32.22 -10.67 -3.47
CA PHE B 240 33.26 -10.80 -2.46
C PHE B 240 34.57 -10.20 -2.95
N THR B 241 35.34 -9.64 -2.01
CA THR B 241 36.59 -9.00 -2.37
C THR B 241 37.57 -9.96 -3.03
N ASN B 242 37.36 -11.27 -2.90
CA ASN B 242 38.19 -12.26 -3.57
C ASN B 242 37.75 -12.53 -4.99
N GLY B 243 36.69 -11.86 -5.48
CA GLY B 243 36.20 -12.03 -6.82
C GLY B 243 34.93 -12.84 -6.93
N ASP B 244 34.68 -13.73 -5.96
CA ASP B 244 33.51 -14.60 -6.03
C ASP B 244 32.23 -13.78 -5.99
N ILE B 245 31.22 -14.25 -6.72
CA ILE B 245 29.89 -13.66 -6.73
C ILE B 245 28.88 -14.77 -6.48
N ARG B 246 28.05 -14.59 -5.46
CA ARG B 246 26.96 -15.52 -5.14
CA ARG B 246 26.92 -15.49 -5.28
C ARG B 246 25.75 -14.71 -4.69
N GLU B 247 24.57 -15.29 -4.85
CA GLU B 247 23.34 -14.63 -4.43
C GLU B 247 23.25 -14.58 -2.91
N LEU B 248 22.73 -13.47 -2.39
CA LEU B 248 22.37 -13.40 -0.99
C LEU B 248 21.14 -14.28 -0.77
N PRO B 249 21.21 -15.30 0.08
CA PRO B 249 20.07 -16.22 0.24
C PRO B 249 18.79 -15.47 0.54
N PRO B 250 17.66 -15.94 0.03
CA PRO B 250 16.38 -15.27 0.32
C PRO B 250 15.93 -15.55 1.75
N LEU B 251 15.12 -14.63 2.27
CA LEU B 251 14.55 -14.77 3.61
C LEU B 251 13.08 -15.19 3.51
ZN ZN C . -5.38 -1.83 4.50
C1 EDO D . -14.02 -10.64 5.62
O1 EDO D . -13.98 -12.05 5.90
C2 EDO D . -13.87 -9.85 6.92
O2 EDO D . -12.53 -9.97 7.40
H11 EDO D . -14.96 -10.38 5.14
H12 EDO D . -13.21 -10.39 4.94
HO1 EDO D . -14.09 -12.54 5.08
H21 EDO D . -14.57 -10.22 7.66
H22 EDO D . -14.11 -8.79 6.74
HO2 EDO D . -12.44 -9.46 8.22
C1 EDO E . -8.86 -8.54 7.28
O1 EDO E . -10.23 -8.72 7.67
C2 EDO E . -8.17 -9.89 7.14
O2 EDO E . -7.31 -10.13 8.27
H11 EDO E . -8.34 -7.94 8.03
H12 EDO E . -8.81 -8.00 6.33
HO1 EDO E . -10.66 -7.87 7.74
H21 EDO E . -7.59 -9.92 6.22
H22 EDO E . -8.92 -10.68 7.07
HO2 EDO E . -6.84 -10.97 8.14
C1 EDO F . -7.08 -5.89 -17.37
O1 EDO F . -7.07 -6.22 -15.99
C2 EDO F . -5.91 -4.96 -17.71
O2 EDO F . -4.73 -5.72 -17.99
H11 EDO F . -8.02 -5.39 -17.62
H12 EDO F . -7.01 -6.79 -17.98
HO1 EDO F . -7.81 -6.81 -15.79
H21 EDO F . -5.72 -4.29 -16.87
H22 EDO F . -6.16 -4.35 -18.58
HO2 EDO F . -4.01 -5.13 -18.24
#